data_7LAK
#
_entry.id   7LAK
#
_cell.length_a   55.890
_cell.length_b   81.500
_cell.length_c   48.180
_cell.angle_alpha   90.000
_cell.angle_beta   138.740
_cell.angle_gamma   90.000
#
_symmetry.space_group_name_H-M   'C 1 2 1'
#
loop_
_entity.id
_entity.type
_entity.pdbx_description
1 polymer 'Bromodomain-containing protein 2'
2 non-polymer N-{trans-4-[4-(cyclopropylmethyl)piperazin-1-yl]cyclohexyl}-4-{[(7R)-7-ethyl-5-methyl-8-(1-methylethyl)-6-oxo-5,6,7,8-tetrahydropteridin-2-yl]amino}-3-methoxybenzamide
3 water water
#
_entity_poly.entity_id   1
_entity_poly.type   'polypeptide(L)'
_entity_poly.pdbx_seq_one_letter_code
;GRVTNQLQYLHKVVMKALWKHQFAWPFRQPVDAVKLGLPDYHKIIKQPMDMGTIKRRLENNYYWAASECMQDFNTMFTNC
YIYNKPTDDIVLMAQTLEKIFLQKVASMPQEEQELVVTIPKN
;
_entity_poly.pdbx_strand_id   A
#
# COMPACT_ATOMS: atom_id res chain seq x y z
N GLY A 1 -6.77 14.54 -6.92
CA GLY A 1 -5.38 14.46 -6.53
C GLY A 1 -4.50 15.03 -7.63
N ARG A 2 -3.24 14.62 -7.64
CA ARG A 2 -2.31 15.13 -8.64
C ARG A 2 -1.26 14.06 -8.92
N VAL A 3 -0.46 14.32 -9.95
CA VAL A 3 0.66 13.47 -10.33
C VAL A 3 1.95 14.15 -9.87
N THR A 4 2.69 13.51 -8.97
CA THR A 4 3.99 14.03 -8.54
C THR A 4 5.08 13.01 -8.84
N ASN A 5 6.33 13.49 -8.84
CA ASN A 5 7.46 12.58 -9.05
C ASN A 5 7.43 11.45 -8.02
N GLN A 6 7.14 11.78 -6.77
CA GLN A 6 7.13 10.77 -5.71
C GLN A 6 5.99 9.77 -5.89
N LEU A 7 4.79 10.25 -6.24
CA LEU A 7 3.66 9.35 -6.46
C LEU A 7 3.86 8.47 -7.69
N GLN A 8 4.45 9.03 -8.75
CA GLN A 8 4.80 8.22 -9.92
C GLN A 8 5.81 7.13 -9.54
N TYR A 9 6.80 7.47 -8.71
CA TYR A 9 7.72 6.48 -8.19
C TYR A 9 7.00 5.40 -7.38
N LEU A 10 6.07 5.81 -6.51
CA LEU A 10 5.34 4.83 -5.73
C LEU A 10 4.54 3.89 -6.63
N HIS A 11 3.98 4.42 -7.72
CA HIS A 11 3.18 3.61 -8.65
C HIS A 11 4.06 2.68 -9.48
N LYS A 12 5.08 3.24 -10.14
CA LYS A 12 5.82 2.54 -11.18
C LYS A 12 7.02 1.78 -10.66
N VAL A 13 7.44 2.02 -9.42
CA VAL A 13 8.58 1.29 -8.86
C VAL A 13 8.12 0.48 -7.66
N VAL A 14 7.58 1.15 -6.64
CA VAL A 14 7.27 0.45 -5.38
C VAL A 14 6.11 -0.51 -5.58
N MET A 15 4.98 -0.01 -6.11
CA MET A 15 3.84 -0.90 -6.31
C MET A 15 4.15 -1.98 -7.34
N LYS A 16 4.91 -1.65 -8.38
CA LYS A 16 5.24 -2.66 -9.38
C LYS A 16 5.97 -3.83 -8.74
N ALA A 17 6.88 -3.54 -7.81
CA ALA A 17 7.64 -4.61 -7.16
C ALA A 17 6.79 -5.40 -6.16
N LEU A 18 5.93 -4.70 -5.41
CA LEU A 18 5.14 -5.39 -4.39
C LEU A 18 4.02 -6.23 -5.02
N TRP A 19 3.37 -5.69 -6.05
CA TRP A 19 2.21 -6.36 -6.65
C TRP A 19 2.57 -7.73 -7.21
N LYS A 20 3.76 -7.87 -7.79
CA LYS A 20 4.18 -9.11 -8.45
C LYS A 20 4.83 -10.11 -7.50
N HIS A 21 5.09 -9.73 -6.25
CA HIS A 21 5.80 -10.58 -5.31
C HIS A 21 4.97 -11.82 -4.99
N GLN A 22 5.67 -12.93 -4.72
CA GLN A 22 4.98 -14.19 -4.44
C GLN A 22 4.08 -14.11 -3.22
N PHE A 23 4.36 -13.19 -2.29
CA PHE A 23 3.58 -13.03 -1.06
C PHE A 23 2.47 -11.99 -1.19
N ALA A 24 2.27 -11.40 -2.37
CA ALA A 24 1.30 -10.32 -2.53
C ALA A 24 -0.15 -10.80 -2.51
N TRP A 25 -0.41 -12.06 -2.87
CA TRP A 25 -1.78 -12.46 -3.16
C TRP A 25 -2.78 -12.22 -2.02
N PRO A 26 -2.44 -12.37 -0.73
CA PRO A 26 -3.44 -12.05 0.32
C PRO A 26 -3.79 -10.56 0.38
N PHE A 27 -2.97 -9.70 -0.23
CA PHE A 27 -3.12 -8.26 -0.09
C PHE A 27 -3.56 -7.58 -1.39
N ARG A 28 -3.85 -8.34 -2.44
CA ARG A 28 -4.19 -7.73 -3.72
C ARG A 28 -5.63 -7.27 -3.79
N GLN A 29 -6.44 -7.55 -2.77
CA GLN A 29 -7.86 -7.20 -2.78
C GLN A 29 -8.31 -7.01 -1.34
N PRO A 30 -9.42 -6.29 -1.11
CA PRO A 30 -9.89 -6.12 0.26
C PRO A 30 -10.22 -7.46 0.88
N VAL A 31 -10.05 -7.54 2.20
CA VAL A 31 -10.51 -8.70 2.96
C VAL A 31 -12.02 -8.81 2.83
N ASP A 32 -12.49 -9.96 2.33
CA ASP A 32 -13.93 -10.24 2.33
C ASP A 32 -14.26 -11.03 3.59
N ALA A 33 -14.53 -10.30 4.68
CA ALA A 33 -14.79 -10.94 5.98
C ALA A 33 -16.07 -11.75 5.98
N VAL A 34 -17.02 -11.43 5.09
CA VAL A 34 -18.22 -12.22 4.98
C VAL A 34 -17.91 -13.61 4.42
N LYS A 35 -17.22 -13.67 3.28
CA LYS A 35 -16.81 -14.95 2.70
C LYS A 35 -15.87 -15.71 3.61
N LEU A 36 -15.04 -15.00 4.38
CA LEU A 36 -14.07 -15.66 5.24
C LEU A 36 -14.67 -16.11 6.57
N GLY A 37 -15.91 -15.74 6.86
CA GLY A 37 -16.53 -16.15 8.10
C GLY A 37 -15.94 -15.48 9.32
N LEU A 38 -15.50 -14.22 9.18
CA LEU A 38 -14.79 -13.48 10.21
C LEU A 38 -15.57 -12.27 10.67
N PRO A 39 -16.62 -12.46 11.47
CA PRO A 39 -17.45 -11.30 11.89
C PRO A 39 -16.71 -10.28 12.72
N ASP A 40 -15.56 -10.62 13.29
CA ASP A 40 -14.84 -9.68 14.12
C ASP A 40 -13.82 -8.87 13.36
N TYR A 41 -13.62 -9.14 12.07
CA TYR A 41 -12.56 -8.45 11.34
C TYR A 41 -12.79 -6.95 11.34
N HIS A 42 -14.00 -6.52 10.97
CA HIS A 42 -14.28 -5.09 10.90
C HIS A 42 -14.62 -4.47 12.25
N LYS A 43 -14.77 -5.29 13.31
CA LYS A 43 -14.84 -4.74 14.66
C LYS A 43 -13.45 -4.38 15.18
N ILE A 44 -12.43 -5.11 14.73
CA ILE A 44 -11.05 -4.90 15.16
C ILE A 44 -10.31 -3.94 14.24
N ILE A 45 -10.50 -4.09 12.93
CA ILE A 45 -9.78 -3.30 11.94
C ILE A 45 -10.68 -2.15 11.50
N LYS A 46 -10.34 -0.93 11.93
CA LYS A 46 -11.18 0.22 11.65
C LYS A 46 -10.96 0.81 10.26
N GLN A 47 -9.77 0.64 9.69
CA GLN A 47 -9.44 1.15 8.36
C GLN A 47 -8.88 0.03 7.50
N PRO A 48 -9.75 -0.75 6.87
CA PRO A 48 -9.25 -1.76 5.92
C PRO A 48 -8.48 -1.10 4.79
N MET A 49 -7.46 -1.80 4.31
CA MET A 49 -6.69 -1.30 3.18
C MET A 49 -5.99 -2.48 2.50
N ASP A 50 -5.78 -2.36 1.19
CA ASP A 50 -5.21 -3.44 0.41
C ASP A 50 -4.53 -2.83 -0.81
N MET A 51 -3.67 -3.61 -1.46
CA MET A 51 -2.91 -3.08 -2.60
C MET A 51 -3.78 -2.84 -3.84
N GLY A 52 -4.85 -3.61 -4.01
CA GLY A 52 -5.77 -3.33 -5.11
C GLY A 52 -6.36 -1.95 -5.02
N THR A 53 -6.80 -1.58 -3.81
CA THR A 53 -7.33 -0.24 -3.56
C THR A 53 -6.26 0.82 -3.79
N ILE A 54 -5.06 0.61 -3.26
CA ILE A 54 -3.96 1.57 -3.47
C ILE A 54 -3.63 1.70 -4.95
N LYS A 55 -3.58 0.58 -5.67
CA LYS A 55 -3.24 0.63 -7.09
C LYS A 55 -4.28 1.41 -7.89
N ARG A 56 -5.57 1.18 -7.60
CA ARG A 56 -6.61 1.93 -8.29
C ARG A 56 -6.53 3.40 -7.95
N ARG A 57 -6.24 3.73 -6.68
CA ARG A 57 -6.09 5.13 -6.30
C ARG A 57 -4.96 5.80 -7.07
N LEU A 58 -3.81 5.12 -7.20
CA LEU A 58 -2.71 5.68 -8.00
C LEU A 58 -3.09 5.82 -9.46
N GLU A 59 -3.75 4.82 -10.03
CA GLU A 59 -4.18 4.91 -11.43
C GLU A 59 -5.11 6.10 -11.64
N ASN A 60 -5.93 6.43 -10.64
CA ASN A 60 -6.94 7.49 -10.75
C ASN A 60 -6.48 8.83 -10.20
N ASN A 61 -5.20 8.98 -9.86
CA ASN A 61 -4.65 10.22 -9.30
C ASN A 61 -5.47 10.68 -8.09
N TYR A 62 -5.76 9.74 -7.21
CA TYR A 62 -6.51 10.00 -5.98
C TYR A 62 -5.67 10.76 -4.95
N TYR A 63 -4.39 10.44 -4.85
CA TYR A 63 -3.54 11.02 -3.83
C TYR A 63 -3.07 12.43 -4.21
N TRP A 64 -2.90 13.26 -3.19
CA TRP A 64 -2.27 14.57 -3.35
C TRP A 64 -0.80 14.57 -2.96
N ALA A 65 -0.38 13.63 -2.10
CA ALA A 65 1.01 13.57 -1.65
C ALA A 65 1.42 12.12 -1.49
N ALA A 66 2.67 11.83 -1.89
CA ALA A 66 3.23 10.50 -1.68
C ALA A 66 3.03 10.02 -0.26
N SER A 67 3.18 10.91 0.72
CA SER A 67 3.07 10.49 2.11
C SER A 67 1.71 9.86 2.42
N GLU A 68 0.63 10.33 1.76
CA GLU A 68 -0.68 9.71 1.95
C GLU A 68 -0.70 8.27 1.45
N CYS A 69 -0.11 8.03 0.28
CA CYS A 69 -0.03 6.68 -0.28
C CYS A 69 0.83 5.78 0.60
N MET A 70 1.94 6.30 1.11
CA MET A 70 2.76 5.56 2.05
CA MET A 70 2.75 5.52 2.03
C MET A 70 1.97 5.20 3.30
N GLN A 71 1.08 6.10 3.76
CA GLN A 71 0.26 5.76 4.92
C GLN A 71 -0.71 4.64 4.61
N ASP A 72 -1.23 4.58 3.37
CA ASP A 72 -2.13 3.48 3.00
C ASP A 72 -1.38 2.15 2.99
N PHE A 73 -0.19 2.11 2.39
CA PHE A 73 0.64 0.92 2.49
C PHE A 73 0.84 0.54 3.96
N ASN A 74 1.22 1.51 4.78
CA ASN A 74 1.48 1.22 6.19
C ASN A 74 0.25 0.67 6.89
N THR A 75 -0.92 1.26 6.64
CA THR A 75 -2.14 0.78 7.28
C THR A 75 -2.42 -0.68 6.91
N MET A 76 -2.19 -1.04 5.65
CA MET A 76 -2.43 -2.41 5.19
C MET A 76 -1.58 -3.40 5.97
N PHE A 77 -0.29 -3.09 6.12
CA PHE A 77 0.61 -3.95 6.87
C PHE A 77 0.25 -3.96 8.34
N THR A 78 -0.07 -2.79 8.91
CA THR A 78 -0.40 -2.72 10.33
C THR A 78 -1.65 -3.53 10.63
N ASN A 79 -2.68 -3.44 9.78
CA ASN A 79 -3.89 -4.23 9.96
C ASN A 79 -3.54 -5.71 10.12
N CYS A 80 -2.66 -6.22 9.25
CA CYS A 80 -2.25 -7.60 9.29
C CYS A 80 -1.63 -7.96 10.65
N TYR A 81 -0.69 -7.12 11.12
CA TYR A 81 -0.03 -7.39 12.39
C TYR A 81 -1.02 -7.33 13.55
N ILE A 82 -1.99 -6.44 13.49
CA ILE A 82 -2.91 -6.29 14.62
C ILE A 82 -3.86 -7.47 14.71
N TYR A 83 -4.41 -7.90 13.56
CA TYR A 83 -5.50 -8.86 13.58
C TYR A 83 -5.02 -10.30 13.76
N ASN A 84 -3.90 -10.66 13.16
CA ASN A 84 -3.50 -12.06 13.11
C ASN A 84 -2.63 -12.45 14.31
N LYS A 85 -2.45 -13.76 14.48
CA LYS A 85 -1.64 -14.27 15.57
C LYS A 85 -0.16 -14.08 15.26
N PRO A 86 0.67 -13.88 16.29
CA PRO A 86 2.08 -13.58 16.04
C PRO A 86 2.81 -14.66 15.27
N THR A 87 2.35 -15.91 15.32
CA THR A 87 3.03 -17.03 14.66
C THR A 87 2.50 -17.34 13.26
N ASP A 88 1.43 -16.67 12.82
CA ASP A 88 0.86 -16.95 11.51
C ASP A 88 1.86 -16.58 10.41
N ASP A 89 1.93 -17.42 9.37
CA ASP A 89 2.85 -17.14 8.28
C ASP A 89 2.53 -15.83 7.58
N ILE A 90 1.26 -15.40 7.57
CA ILE A 90 0.90 -14.16 6.87
C ILE A 90 1.60 -12.96 7.51
N VAL A 91 1.86 -13.01 8.81
CA VAL A 91 2.65 -11.95 9.45
C VAL A 91 4.06 -11.90 8.86
N LEU A 92 4.68 -13.08 8.67
CA LEU A 92 5.98 -13.13 8.00
C LEU A 92 5.89 -12.61 6.57
N MET A 93 4.81 -12.93 5.86
CA MET A 93 4.66 -12.40 4.51
C MET A 93 4.54 -10.88 4.50
N ALA A 94 3.78 -10.32 5.44
CA ALA A 94 3.69 -8.87 5.55
C ALA A 94 5.04 -8.27 5.89
N GLN A 95 5.80 -8.92 6.78
CA GLN A 95 7.12 -8.38 7.13
C GLN A 95 8.04 -8.41 5.91
N THR A 96 7.94 -9.45 5.10
CA THR A 96 8.77 -9.52 3.90
C THR A 96 8.41 -8.41 2.92
N LEU A 97 7.11 -8.21 2.69
CA LEU A 97 6.66 -7.15 1.78
C LEU A 97 6.98 -5.77 2.33
N GLU A 98 6.82 -5.58 3.64
CA GLU A 98 7.10 -4.26 4.19
C GLU A 98 8.57 -3.93 4.11
N LYS A 99 9.45 -4.93 4.19
CA LYS A 99 10.87 -4.66 4.10
C LYS A 99 11.24 -4.19 2.69
N ILE A 100 10.64 -4.81 1.68
CA ILE A 100 10.83 -4.36 0.31
C ILE A 100 10.25 -2.96 0.13
N PHE A 101 9.07 -2.71 0.69
CA PHE A 101 8.49 -1.37 0.66
C PHE A 101 9.49 -0.33 1.14
N LEU A 102 10.11 -0.59 2.29
CA LEU A 102 11.04 0.39 2.86
C LEU A 102 12.31 0.51 2.02
N GLN A 103 12.81 -0.63 1.52
CA GLN A 103 14.00 -0.59 0.68
C GLN A 103 13.76 0.25 -0.57
N LYS A 104 12.61 0.08 -1.21
CA LYS A 104 12.31 0.84 -2.42
C LYS A 104 12.02 2.30 -2.10
N VAL A 105 11.31 2.55 -0.99
CA VAL A 105 11.01 3.92 -0.58
C VAL A 105 12.28 4.70 -0.33
N ALA A 106 13.35 4.02 0.11
CA ALA A 106 14.63 4.69 0.36
C ALA A 106 15.19 5.39 -0.87
N SER A 107 14.84 4.95 -2.08
N SER A 107 14.82 4.95 -2.08
CA SER A 107 15.35 5.55 -3.31
CA SER A 107 15.34 5.53 -3.32
C SER A 107 14.34 6.45 -4.00
C SER A 107 14.33 6.43 -4.02
N MET A 108 13.25 6.82 -3.34
CA MET A 108 12.27 7.73 -3.90
C MET A 108 12.87 9.13 -4.06
N PRO A 109 12.43 9.90 -5.08
CA PRO A 109 12.92 11.29 -5.20
C PRO A 109 12.73 12.08 -3.91
N GLN A 110 13.65 13.03 -3.68
CA GLN A 110 13.71 13.67 -2.37
C GLN A 110 12.65 14.76 -2.21
N GLU A 111 12.48 15.60 -3.23
CA GLU A 111 11.54 16.73 -3.18
C GLU A 111 10.30 16.40 -3.99
N GLU A 112 9.11 16.57 -3.40
CA GLU A 112 7.88 16.27 -4.12
C GLU A 112 7.52 17.44 -5.04
N GLN A 113 7.40 17.14 -6.33
CA GLN A 113 7.15 18.16 -7.35
C GLN A 113 6.07 17.62 -8.28
N GLU A 114 5.05 18.43 -8.55
CA GLU A 114 4.03 18.02 -9.50
C GLU A 114 4.64 17.93 -10.90
N LEU A 115 4.24 16.88 -11.63
CA LEU A 115 4.80 16.59 -12.96
C LEU A 115 4.03 17.29 -14.06
N VAL A 116 3.61 18.52 -13.82
CA VAL A 116 2.81 19.29 -14.76
C VAL A 116 3.66 20.45 -15.25
N VAL A 117 3.53 20.77 -16.54
CA VAL A 117 4.19 21.89 -17.15
C VAL A 117 3.09 22.72 -17.79
N THR A 118 2.74 23.84 -17.17
CA THR A 118 1.50 24.53 -17.47
C THR A 118 1.75 25.87 -18.16
N ILE A 119 0.72 26.31 -18.88
CA ILE A 119 0.76 27.56 -19.65
C ILE A 119 -0.25 28.52 -19.03
N PRO A 120 0.19 29.66 -18.47
CA PRO A 120 -0.69 30.66 -17.86
C PRO A 120 -1.57 31.39 -18.88
#